data_3JV9
#
_entry.id   3JV9
#
_cell.length_a   49.813
_cell.length_b   56.075
_cell.length_c   81.247
_cell.angle_alpha   90.00
_cell.angle_beta   104.91
_cell.angle_gamma   90.00
#
_symmetry.space_group_name_H-M   'P 1 21 1'
#
loop_
_entity.id
_entity.type
_entity.pdbx_description
1 polymer 'Transcriptional regulator, LysR family'
2 non-polymer 'CHLORIDE ION'
3 water water
#
_entity_poly.entity_id   1
_entity_poly.type   'polypeptide(L)'
_entity_poly.pdbx_seq_one_letter_code
;ELEGAFKLGLIFTVAPYLLPKLIVSLRRTAPK(MSE)PL(MSE)LEENYTHTLTESLKRGDVDAIIVAEPFQEPGIVTEP
LYDEPFFVIVPKGHSFEELDAVSPR(MSE)LGEEQVLLLTEGNC(MSE)RDQVLSSCSELAAKQRIQGLTNTLQGSSINT
IRH(MSE)VASGLAISVLPATALTENDH(MSE)LFSIIPFEGTPPSRRVVLAYRRNFVRPKALSA(MSE)KAAI(MSE)Q
SQLHGVSFICD
;
_entity_poly.pdbx_strand_id   A,B
#
loop_
_chem_comp.id
_chem_comp.type
_chem_comp.name
_chem_comp.formula
CL non-polymer 'CHLORIDE ION' 'Cl -1'
#
# COMPACT_ATOMS: atom_id res chain seq x y z
N GLU A 3 -17.88 -19.13 -12.31
CA GLU A 3 -18.51 -17.81 -12.30
C GLU A 3 -17.80 -16.83 -13.23
N GLY A 4 -16.80 -17.32 -13.96
CA GLY A 4 -16.05 -16.50 -14.90
C GLY A 4 -14.88 -15.83 -14.20
N ALA A 5 -14.82 -15.96 -12.88
CA ALA A 5 -13.84 -15.29 -12.04
C ALA A 5 -12.43 -15.88 -12.13
N PHE A 6 -11.48 -15.05 -12.53
CA PHE A 6 -10.07 -15.40 -12.59
C PHE A 6 -9.31 -15.02 -11.28
N LYS A 7 -8.68 -15.99 -10.63
CA LYS A 7 -7.99 -15.77 -9.35
C LYS A 7 -6.52 -15.39 -9.55
N LEU A 8 -6.18 -14.14 -9.29
CA LEU A 8 -4.85 -13.63 -9.61
C LEU A 8 -4.16 -13.12 -8.35
N GLY A 9 -2.90 -13.48 -8.16
CA GLY A 9 -2.16 -13.00 -7.01
C GLY A 9 -1.00 -12.16 -7.52
N LEU A 10 -0.61 -11.18 -6.73
CA LEU A 10 0.47 -10.29 -7.09
C LEU A 10 1.29 -9.97 -5.86
N ILE A 11 2.58 -9.79 -6.03
CA ILE A 11 3.42 -9.45 -4.91
C ILE A 11 3.04 -8.07 -4.39
N PHE A 12 3.35 -7.82 -3.11
CA PHE A 12 3.07 -6.52 -2.48
C PHE A 12 3.61 -5.34 -3.26
N THR A 13 4.86 -5.44 -3.71
CA THR A 13 5.51 -4.28 -4.31
C THR A 13 5.13 -4.11 -5.78
N VAL A 14 4.17 -4.90 -6.25
CA VAL A 14 3.72 -4.76 -7.63
C VAL A 14 2.26 -4.29 -7.66
N ALA A 15 1.46 -4.87 -6.78
CA ALA A 15 0.02 -4.84 -6.91
C ALA A 15 -0.55 -3.43 -7.03
N PRO A 16 -0.19 -2.52 -6.11
CA PRO A 16 -0.87 -1.23 -6.06
C PRO A 16 -0.63 -0.44 -7.35
N TYR A 17 0.56 -0.55 -7.92
CA TYR A 17 0.91 0.17 -9.14
C TYR A 17 0.40 -0.43 -10.46
N LEU A 18 0.27 -1.75 -10.53
CA LEU A 18 -0.17 -2.36 -11.79
C LEU A 18 -1.68 -2.50 -11.83
N LEU A 19 -2.29 -2.87 -10.72
CA LEU A 19 -3.71 -3.11 -10.75
C LEU A 19 -4.51 -2.03 -11.49
N PRO A 20 -4.37 -0.74 -11.11
CA PRO A 20 -5.27 0.26 -11.73
C PRO A 20 -5.29 0.20 -13.28
N LYS A 21 -4.13 0.19 -13.93
CA LYS A 21 -4.04 0.08 -15.38
C LYS A 21 -4.53 -1.27 -15.91
N LEU A 22 -4.04 -2.35 -15.32
CA LEU A 22 -4.46 -3.70 -15.67
C LEU A 22 -5.96 -3.81 -15.71
N ILE A 23 -6.63 -3.17 -14.75
CA ILE A 23 -8.09 -3.22 -14.69
C ILE A 23 -8.68 -2.58 -15.95
N VAL A 24 -8.02 -1.55 -16.46
CA VAL A 24 -8.49 -0.84 -17.63
C VAL A 24 -8.19 -1.62 -18.91
N SER A 25 -6.97 -2.13 -19.06
CA SER A 25 -6.70 -3.01 -20.21
C SER A 25 -7.66 -4.17 -20.17
N LEU A 26 -7.84 -4.76 -19.00
CA LEU A 26 -8.65 -5.97 -18.90
C LEU A 26 -10.07 -5.80 -19.40
N ARG A 27 -10.57 -4.56 -19.44
CA ARG A 27 -11.95 -4.36 -19.89
C ARG A 27 -12.08 -4.37 -21.41
N ARG A 28 -10.94 -4.39 -22.10
CA ARG A 28 -10.93 -4.60 -23.54
C ARG A 28 -10.70 -6.06 -23.91
N THR A 29 -9.88 -6.76 -23.13
CA THR A 29 -9.44 -8.08 -23.55
C THR A 29 -10.20 -9.23 -22.89
N ALA A 30 -10.87 -8.95 -21.79
CA ALA A 30 -11.74 -9.93 -21.14
C ALA A 30 -12.83 -9.16 -20.41
N PRO A 31 -13.62 -8.41 -21.16
CA PRO A 31 -14.54 -7.44 -20.53
C PRO A 31 -15.65 -8.10 -19.71
N LYS A 32 -15.63 -9.43 -19.56
CA LYS A 32 -16.66 -10.10 -18.76
C LYS A 32 -16.04 -10.99 -17.67
N MSE A 33 -14.74 -10.83 -17.47
CA MSE A 33 -14.02 -11.68 -16.53
C MSE A 33 -13.67 -10.95 -15.23
O MSE A 33 -12.70 -10.19 -15.17
CB MSE A 33 -12.74 -12.23 -17.17
CG MSE A 33 -11.90 -13.07 -16.24
SE MSE A 33 -10.55 -14.08 -17.22
CE MSE A 33 -9.21 -12.71 -17.54
N PRO A 34 -14.46 -11.21 -14.17
CA PRO A 34 -14.26 -10.60 -12.86
C PRO A 34 -13.03 -11.20 -12.18
N LEU A 35 -12.48 -10.47 -11.23
CA LEU A 35 -11.21 -10.82 -10.65
C LEU A 35 -11.30 -11.06 -9.15
N MSE A 36 -10.70 -12.15 -8.70
CA MSE A 36 -10.44 -12.33 -7.29
C MSE A 36 -8.96 -12.11 -7.10
O MSE A 36 -8.16 -12.71 -7.82
CB MSE A 36 -10.86 -13.70 -6.83
CG MSE A 36 -12.36 -13.93 -7.02
SE MSE A 36 -12.94 -15.67 -6.42
CE MSE A 36 -11.85 -15.81 -4.81
N LEU A 37 -8.60 -11.25 -6.15
CA LEU A 37 -7.23 -10.82 -6.01
C LEU A 37 -6.63 -11.10 -4.64
N GLU A 38 -5.33 -11.27 -4.61
CA GLU A 38 -4.59 -11.48 -3.39
C GLU A 38 -3.24 -10.87 -3.62
N GLU A 39 -2.78 -10.12 -2.64
CA GLU A 39 -1.44 -9.57 -2.70
C GLU A 39 -0.74 -10.29 -1.55
N ASN A 40 0.52 -10.66 -1.78
CA ASN A 40 1.24 -11.39 -0.76
C ASN A 40 2.70 -11.55 -1.09
N TYR A 41 3.47 -12.12 -0.14
CA TYR A 41 4.87 -12.40 -0.40
C TYR A 41 4.96 -13.51 -1.39
N THR A 42 5.96 -13.44 -2.26
CA THR A 42 6.22 -14.48 -3.25
C THR A 42 5.97 -15.91 -2.73
N HIS A 43 6.73 -16.34 -1.74
CA HIS A 43 6.63 -17.71 -1.24
C HIS A 43 5.22 -18.10 -0.84
N THR A 44 4.47 -17.16 -0.27
CA THR A 44 3.09 -17.42 0.10
C THR A 44 2.30 -17.68 -1.17
N LEU A 45 2.64 -16.92 -2.19
CA LEU A 45 1.84 -16.83 -3.41
C LEU A 45 2.04 -18.13 -4.17
N THR A 46 3.28 -18.58 -4.23
CA THR A 46 3.64 -19.82 -4.89
C THR A 46 2.92 -21.02 -4.32
N GLU A 47 2.83 -21.09 -3.00
CA GLU A 47 2.10 -22.15 -2.34
C GLU A 47 0.63 -22.16 -2.70
N SER A 48 0.07 -20.98 -2.93
CA SER A 48 -1.33 -20.82 -3.29
C SER A 48 -1.58 -21.22 -4.73
N LEU A 49 -0.66 -20.81 -5.61
CA LEU A 49 -0.69 -21.22 -6.99
C LEU A 49 -0.67 -22.75 -7.05
N LYS A 50 0.25 -23.36 -6.29
CA LYS A 50 0.44 -24.81 -6.31
C LYS A 50 -0.79 -25.55 -5.84
N ARG A 51 -1.51 -25.00 -4.85
CA ARG A 51 -2.69 -25.69 -4.36
C ARG A 51 -3.92 -25.33 -5.19
N GLY A 52 -3.73 -24.40 -6.12
CA GLY A 52 -4.81 -23.99 -6.99
C GLY A 52 -5.81 -23.01 -6.39
N ASP A 53 -5.46 -22.42 -5.26
CA ASP A 53 -6.26 -21.35 -4.68
C ASP A 53 -6.19 -20.10 -5.57
N VAL A 54 -5.17 -20.04 -6.41
CA VAL A 54 -4.96 -18.92 -7.31
C VAL A 54 -4.60 -19.45 -8.72
N ASP A 55 -5.11 -18.79 -9.77
CA ASP A 55 -4.95 -19.26 -11.13
C ASP A 55 -3.61 -18.85 -11.75
N ALA A 56 -2.97 -17.85 -11.16
CA ALA A 56 -1.77 -17.29 -11.73
C ALA A 56 -1.28 -16.20 -10.81
N ILE A 57 -0.02 -15.80 -10.98
CA ILE A 57 0.57 -14.88 -10.03
C ILE A 57 1.59 -14.02 -10.74
N ILE A 58 1.75 -12.78 -10.23
CA ILE A 58 2.74 -11.84 -10.74
C ILE A 58 3.90 -11.70 -9.74
N VAL A 59 5.09 -12.06 -10.19
CA VAL A 59 6.26 -12.10 -9.34
C VAL A 59 7.46 -11.66 -10.17
N ALA A 60 8.65 -11.66 -9.56
CA ALA A 60 9.83 -11.20 -10.26
C ALA A 60 10.96 -12.24 -10.22
N GLU A 61 11.92 -12.09 -11.12
CA GLU A 61 13.07 -12.97 -11.17
C GLU A 61 13.93 -12.72 -9.94
N PRO A 62 14.68 -13.75 -9.50
CA PRO A 62 14.75 -15.04 -10.19
C PRO A 62 13.59 -15.91 -9.75
N PHE A 63 12.96 -16.64 -10.66
CA PHE A 63 11.87 -17.51 -10.26
C PHE A 63 11.90 -18.82 -11.02
N GLN A 64 12.03 -19.93 -10.27
CA GLN A 64 12.03 -21.25 -10.88
C GLN A 64 11.40 -22.27 -9.96
N GLU A 65 10.40 -22.96 -10.47
CA GLU A 65 9.63 -23.87 -9.67
C GLU A 65 9.10 -24.98 -10.57
N PRO A 66 9.26 -26.23 -10.11
CA PRO A 66 8.88 -27.41 -10.91
C PRO A 66 7.39 -27.42 -11.17
N GLY A 67 6.99 -27.66 -12.41
CA GLY A 67 5.59 -27.70 -12.78
C GLY A 67 4.92 -26.34 -12.72
N ILE A 68 5.72 -25.28 -12.67
CA ILE A 68 5.25 -23.93 -12.85
C ILE A 68 5.91 -23.29 -14.06
N VAL A 69 5.12 -22.61 -14.88
CA VAL A 69 5.70 -21.89 -16.01
C VAL A 69 5.61 -20.38 -15.77
N THR A 70 6.59 -19.65 -16.28
CA THR A 70 6.59 -18.20 -16.21
C THR A 70 6.75 -17.60 -17.60
N GLU A 71 6.10 -16.45 -17.83
CA GLU A 71 6.32 -15.67 -19.02
C GLU A 71 6.60 -14.22 -18.63
N PRO A 72 7.76 -13.70 -19.05
CA PRO A 72 8.16 -12.31 -18.74
C PRO A 72 7.10 -11.33 -19.15
N LEU A 73 7.07 -10.17 -18.50
CA LEU A 73 6.13 -9.10 -18.82
C LEU A 73 6.89 -7.82 -19.06
N TYR A 74 7.67 -7.40 -18.08
CA TYR A 74 8.45 -6.18 -18.22
C TYR A 74 9.67 -6.14 -17.32
N ASP A 75 10.61 -5.31 -17.72
CA ASP A 75 11.72 -4.93 -16.87
C ASP A 75 11.40 -3.57 -16.22
N GLU A 76 11.83 -3.40 -14.98
CA GLU A 76 11.48 -2.20 -14.22
C GLU A 76 12.70 -1.70 -13.43
N PRO A 77 13.26 -0.58 -13.88
CA PRO A 77 14.46 0.01 -13.28
C PRO A 77 14.17 0.42 -11.85
N PHE A 78 15.22 0.60 -11.06
CA PHE A 78 15.10 1.12 -9.70
C PHE A 78 15.66 2.52 -9.67
N PHE A 79 15.14 3.35 -8.78
CA PHE A 79 15.67 4.69 -8.59
C PHE A 79 15.98 4.92 -7.13
N VAL A 80 16.98 5.73 -6.87
CA VAL A 80 17.29 6.16 -5.53
C VAL A 80 16.32 7.28 -5.18
N ILE A 81 15.90 7.33 -3.93
CA ILE A 81 15.16 8.46 -3.46
C ILE A 81 15.83 8.97 -2.19
N VAL A 82 15.90 10.30 -2.08
CA VAL A 82 16.61 10.94 -0.99
C VAL A 82 15.76 12.08 -0.45
N PRO A 83 15.90 12.39 0.84
CA PRO A 83 15.19 13.54 1.40
C PRO A 83 15.42 14.79 0.57
N LYS A 84 14.48 15.72 0.61
CA LYS A 84 14.70 17.07 0.07
C LYS A 84 15.93 17.74 0.69
N GLY A 85 16.90 18.08 -0.15
CA GLY A 85 18.11 18.74 0.33
C GLY A 85 19.31 17.82 0.50
N HIS A 86 19.14 16.56 0.13
CA HIS A 86 20.23 15.60 0.17
C HIS A 86 21.28 15.98 -0.87
N SER A 87 22.53 15.63 -0.62
CA SER A 87 23.63 16.00 -1.53
C SER A 87 23.43 15.46 -2.95
N PHE A 88 22.94 14.22 -3.02
CA PHE A 88 22.70 13.56 -4.30
C PHE A 88 21.83 14.40 -5.23
N GLU A 89 21.22 15.46 -4.69
CA GLU A 89 20.26 16.29 -5.44
C GLU A 89 20.89 17.09 -6.57
N GLU A 90 22.12 17.54 -6.38
CA GLU A 90 22.78 18.26 -7.47
C GLU A 90 23.62 17.30 -8.32
N LEU A 91 23.68 16.05 -7.90
CA LEU A 91 24.33 15.03 -8.71
C LEU A 91 23.59 14.81 -10.01
N ASP A 92 24.36 14.38 -11.01
CA ASP A 92 23.85 14.08 -12.34
C ASP A 92 22.78 13.02 -12.27
N ALA A 93 23.12 11.85 -12.76
CA ALA A 93 22.36 10.65 -12.49
C ALA A 93 23.34 9.75 -11.79
N VAL A 94 24.06 10.30 -10.82
CA VAL A 94 25.19 9.59 -10.20
C VAL A 94 24.77 8.79 -8.98
N SER A 95 24.65 7.49 -9.19
CA SER A 95 24.43 6.54 -8.13
C SER A 95 24.88 5.22 -8.70
N PRO A 96 26.10 4.78 -8.36
CA PRO A 96 26.61 3.50 -8.84
C PRO A 96 26.36 2.46 -7.78
N ARG A 97 26.96 2.70 -6.62
CA ARG A 97 26.86 1.88 -5.45
C ARG A 97 27.56 2.66 -4.35
N MSE A 98 27.85 3.93 -4.65
CA MSE A 98 28.41 4.88 -3.70
C MSE A 98 27.34 5.30 -2.69
O MSE A 98 27.36 6.43 -2.17
CB MSE A 98 28.94 6.10 -4.43
CG MSE A 98 27.86 7.03 -4.92
SE MSE A 98 28.50 8.35 -6.20
CE MSE A 98 27.83 9.95 -5.30
N LEU A 99 26.41 4.40 -2.45
CA LEU A 99 25.43 4.57 -1.39
C LEU A 99 25.73 3.49 -0.35
N GLY A 100 26.97 3.03 -0.36
CA GLY A 100 27.45 2.20 0.73
C GLY A 100 27.72 3.14 1.87
N GLU A 101 27.84 4.42 1.52
CA GLU A 101 28.19 5.46 2.48
C GLU A 101 26.95 6.07 3.12
N GLU A 102 25.77 5.65 2.67
CA GLU A 102 24.53 6.25 3.16
C GLU A 102 23.64 5.29 3.96
N GLN A 103 22.79 5.88 4.80
CA GLN A 103 21.78 5.15 5.53
C GLN A 103 20.69 4.72 4.56
N VAL A 104 20.62 3.41 4.28
CA VAL A 104 19.75 2.92 3.21
C VAL A 104 18.59 2.07 3.74
N LEU A 105 17.39 2.62 3.68
CA LEU A 105 16.19 1.88 4.04
C LEU A 105 15.94 0.73 3.02
N LEU A 106 15.69 -0.47 3.52
CA LEU A 106 15.36 -1.55 2.62
C LEU A 106 14.20 -2.36 3.16
N LEU A 107 13.49 -3.04 2.24
CA LEU A 107 12.27 -3.73 2.58
C LEU A 107 12.49 -4.95 3.46
N THR A 108 11.47 -5.34 4.20
CA THR A 108 11.62 -6.46 5.09
C THR A 108 11.72 -7.81 4.39
N GLU A 109 12.12 -8.81 5.16
CA GLU A 109 12.31 -10.17 4.67
C GLU A 109 10.97 -10.71 4.16
N GLY A 110 11.01 -11.33 2.98
CA GLY A 110 9.79 -11.77 2.33
C GLY A 110 9.50 -10.98 1.07
N ASN A 111 10.03 -9.76 1.01
CA ASN A 111 10.01 -8.98 -0.19
C ASN A 111 11.23 -9.35 -1.02
N CYS A 112 11.00 -9.92 -2.20
CA CYS A 112 12.08 -10.18 -3.14
C CYS A 112 12.85 -8.90 -3.47
N MSE A 113 12.24 -7.74 -3.23
CA MSE A 113 12.91 -6.50 -3.53
C MSE A 113 14.04 -6.24 -2.55
O MSE A 113 14.95 -5.45 -2.82
CB MSE A 113 11.93 -5.35 -3.53
CG MSE A 113 11.64 -4.81 -4.92
SE MSE A 113 11.15 -2.93 -4.84
CE MSE A 113 12.69 -2.22 -3.88
N ARG A 114 14.00 -6.91 -1.40
CA ARG A 114 15.10 -6.81 -0.47
C ARG A 114 16.41 -7.28 -1.12
N ASP A 115 16.36 -8.44 -1.76
CA ASP A 115 17.56 -9.06 -2.31
C ASP A 115 18.01 -8.42 -3.61
N GLN A 116 17.06 -7.90 -4.38
CA GLN A 116 17.39 -7.29 -5.65
C GLN A 116 18.20 -6.03 -5.41
N VAL A 117 17.78 -5.25 -4.41
CA VAL A 117 18.50 -4.05 -4.01
C VAL A 117 19.88 -4.43 -3.46
N LEU A 118 19.91 -5.42 -2.57
CA LEU A 118 21.16 -5.94 -2.04
C LEU A 118 22.10 -6.40 -3.14
N SER A 119 21.64 -7.32 -3.99
CA SER A 119 22.52 -7.96 -4.96
C SER A 119 23.06 -6.98 -5.99
N SER A 120 22.37 -5.86 -6.13
CA SER A 120 22.86 -4.80 -7.01
C SER A 120 24.13 -4.25 -6.39
N CYS A 121 23.98 -3.67 -5.21
CA CYS A 121 25.11 -3.14 -4.48
C CYS A 121 25.81 -4.28 -3.73
N SER A 122 26.78 -3.93 -2.91
CA SER A 122 27.46 -4.94 -2.11
C SER A 122 28.00 -4.28 -0.86
N GLU A 123 28.33 -3.00 -0.99
CA GLU A 123 28.66 -2.18 0.16
C GLU A 123 27.46 -2.18 1.11
N LEU A 124 26.33 -2.68 0.60
CA LEU A 124 25.09 -2.77 1.37
C LEU A 124 24.88 -4.17 1.98
N ALA A 125 25.35 -5.20 1.29
CA ALA A 125 25.24 -6.55 1.83
C ALA A 125 26.18 -6.66 3.02
N ALA A 126 27.28 -5.91 2.96
CA ALA A 126 28.25 -5.86 4.06
C ALA A 126 27.58 -5.54 5.39
N LYS A 127 26.76 -4.48 5.41
CA LYS A 127 26.04 -4.09 6.62
C LYS A 127 25.13 -5.20 7.13
N GLN A 128 24.52 -5.93 6.21
CA GLN A 128 23.70 -7.07 6.57
C GLN A 128 24.56 -8.19 7.15
N ARG A 129 25.70 -8.42 6.52
CA ARG A 129 26.65 -9.38 7.04
C ARG A 129 26.99 -9.04 8.49
N ILE A 130 27.04 -7.75 8.80
CA ILE A 130 27.35 -7.26 10.15
C ILE A 130 26.31 -7.67 11.20
N GLN A 131 25.28 -6.85 11.34
CA GLN A 131 24.31 -7.04 12.40
C GLN A 131 22.94 -7.30 11.80
N GLY A 132 22.94 -7.56 10.50
CA GLY A 132 21.73 -7.49 9.69
C GLY A 132 20.54 -8.35 10.02
N LEU A 133 19.44 -8.03 9.36
CA LEU A 133 18.19 -8.80 9.38
C LEU A 133 17.33 -8.53 10.61
N THR A 134 17.83 -7.65 11.47
CA THR A 134 16.97 -6.98 12.44
C THR A 134 17.57 -5.62 12.83
N ASN A 135 18.89 -5.60 13.03
CA ASN A 135 19.59 -4.32 13.15
C ASN A 135 19.42 -3.50 11.88
N THR A 136 19.27 -4.19 10.75
CA THR A 136 19.15 -3.53 9.46
C THR A 136 18.05 -2.47 9.47
N LEU A 137 18.28 -1.42 8.68
CA LEU A 137 17.40 -0.26 8.61
C LEU A 137 16.30 -0.53 7.57
N GLN A 138 15.11 -0.86 8.04
CA GLN A 138 14.13 -1.45 7.15
C GLN A 138 12.67 -1.02 7.39
N GLY A 139 11.87 -1.07 6.32
CA GLY A 139 10.42 -0.88 6.43
C GLY A 139 9.67 -1.98 5.68
N SER A 140 8.55 -2.40 6.25
CA SER A 140 7.83 -3.55 5.72
C SER A 140 7.19 -3.25 4.37
N SER A 141 7.06 -1.98 4.02
CA SER A 141 6.35 -1.63 2.81
C SER A 141 6.88 -0.35 2.19
N ILE A 142 6.89 -0.31 0.86
CA ILE A 142 7.23 0.89 0.09
C ILE A 142 6.48 2.14 0.60
N ASN A 143 5.32 1.93 1.16
CA ASN A 143 4.52 3.01 1.70
C ASN A 143 5.20 3.64 2.93
N THR A 144 5.66 2.83 3.88
CA THR A 144 6.31 3.37 5.06
C THR A 144 7.69 3.87 4.70
N ILE A 145 8.36 3.17 3.80
CA ILE A 145 9.68 3.61 3.36
C ILE A 145 9.69 4.99 2.68
N ARG A 146 8.80 5.21 1.74
CA ARG A 146 8.80 6.48 1.00
C ARG A 146 8.62 7.65 1.97
N HIS A 147 7.83 7.40 3.02
CA HIS A 147 7.47 8.44 3.96
C HIS A 147 8.51 8.62 5.08
N MSE A 148 9.36 7.63 5.31
CA MSE A 148 10.48 7.87 6.21
C MSE A 148 11.56 8.64 5.45
O MSE A 148 12.21 9.50 6.02
CB MSE A 148 11.09 6.57 6.73
CG MSE A 148 10.15 5.76 7.55
SE MSE A 148 11.06 4.25 8.31
CE MSE A 148 9.50 3.16 8.67
N VAL A 149 11.76 8.31 4.18
CA VAL A 149 12.77 9.00 3.38
C VAL A 149 12.42 10.48 3.24
N ALA A 150 11.12 10.79 3.26
CA ALA A 150 10.67 12.13 2.94
C ALA A 150 10.70 12.94 4.22
N SER A 151 10.58 12.23 5.34
CA SER A 151 10.53 12.85 6.66
C SER A 151 11.92 13.25 7.13
N GLY A 152 12.94 12.67 6.51
CA GLY A 152 14.31 12.97 6.85
C GLY A 152 15.11 11.72 7.19
N LEU A 153 14.43 10.66 7.61
CA LEU A 153 15.05 9.47 8.23
C LEU A 153 16.25 8.87 7.49
N ALA A 154 16.16 8.72 6.17
CA ALA A 154 17.19 8.01 5.42
C ALA A 154 16.96 8.14 3.93
N ILE A 155 17.69 7.34 3.14
CA ILE A 155 17.43 7.24 1.71
C ILE A 155 17.07 5.79 1.37
N SER A 156 16.54 5.57 0.16
CA SER A 156 16.11 4.24 -0.23
C SER A 156 16.19 4.00 -1.74
N VAL A 157 15.81 2.79 -2.16
CA VAL A 157 15.80 2.43 -3.57
C VAL A 157 14.44 1.85 -3.94
N LEU A 158 13.80 2.47 -4.93
CA LEU A 158 12.40 2.20 -5.27
C LEU A 158 12.21 1.75 -6.73
N PRO A 159 11.18 0.92 -6.98
CA PRO A 159 10.84 0.44 -8.32
C PRO A 159 10.23 1.60 -9.09
N ALA A 160 10.51 1.73 -10.38
CA ALA A 160 10.02 2.89 -11.12
C ALA A 160 8.52 3.11 -10.95
N THR A 161 7.75 2.03 -11.01
CA THR A 161 6.28 2.15 -11.07
C THR A 161 5.67 2.56 -9.75
N ALA A 162 6.51 2.67 -8.73
CA ALA A 162 6.09 3.19 -7.44
C ALA A 162 6.28 4.70 -7.37
N LEU A 163 6.86 5.28 -8.42
CA LEU A 163 7.21 6.69 -8.39
C LEU A 163 6.14 7.58 -9.00
N THR A 164 5.37 8.22 -8.14
CA THR A 164 4.37 9.22 -8.53
C THR A 164 5.03 10.34 -9.30
N GLU A 165 4.56 10.58 -10.51
CA GLU A 165 5.08 11.66 -11.33
C GLU A 165 4.87 12.99 -10.61
N ASN A 166 4.10 12.96 -9.52
CA ASN A 166 3.81 14.16 -8.75
C ASN A 166 4.08 13.99 -7.26
N ASP A 167 5.23 13.42 -6.91
CA ASP A 167 5.66 13.40 -5.52
C ASP A 167 7.07 13.98 -5.35
N HIS A 168 7.44 14.86 -6.27
CA HIS A 168 8.64 15.66 -6.11
C HIS A 168 8.46 16.55 -4.90
N MSE A 169 7.26 16.49 -4.32
CA MSE A 169 6.92 17.26 -3.14
C MSE A 169 7.54 16.65 -1.90
O MSE A 169 7.78 17.34 -0.91
CB MSE A 169 5.40 17.24 -2.91
CG MSE A 169 4.55 17.10 -4.17
SE MSE A 169 4.53 18.73 -5.24
CE MSE A 169 4.46 20.04 -3.79
N LEU A 170 7.77 15.34 -1.94
CA LEU A 170 8.15 14.61 -0.74
C LEU A 170 9.64 14.29 -0.69
N PHE A 171 10.15 13.68 -1.76
CA PHE A 171 11.58 13.38 -1.84
C PHE A 171 12.09 13.69 -3.24
N SER A 172 13.33 13.31 -3.49
CA SER A 172 13.91 13.51 -4.82
C SER A 172 14.36 12.20 -5.47
N ILE A 173 13.97 12.01 -6.72
CA ILE A 173 14.29 10.78 -7.44
C ILE A 173 15.63 10.93 -8.10
N ILE A 174 16.55 10.06 -7.74
CA ILE A 174 17.91 10.10 -8.25
C ILE A 174 18.12 8.84 -9.05
N PRO A 175 18.56 8.99 -10.30
CA PRO A 175 18.75 7.89 -11.25
C PRO A 175 20.03 7.12 -10.93
N PHE A 176 20.05 5.83 -11.26
CA PHE A 176 21.31 5.06 -11.22
C PHE A 176 22.03 5.31 -12.53
N GLU A 177 23.33 5.54 -12.48
CA GLU A 177 24.07 5.89 -13.69
C GLU A 177 24.27 4.69 -14.61
N GLY A 178 24.31 4.95 -15.91
CA GLY A 178 24.56 3.92 -16.90
C GLY A 178 23.45 2.89 -17.00
N THR A 179 23.74 1.67 -16.56
CA THR A 179 22.77 0.58 -16.56
C THR A 179 22.02 0.54 -15.24
N PRO A 180 20.79 1.06 -15.23
CA PRO A 180 20.06 1.03 -13.96
C PRO A 180 19.83 -0.42 -13.56
N PRO A 181 20.01 -0.73 -12.27
CA PRO A 181 19.59 -2.05 -11.79
C PRO A 181 18.09 -2.16 -12.06
N SER A 182 17.60 -3.38 -12.21
CA SER A 182 16.19 -3.54 -12.52
C SER A 182 15.69 -4.88 -12.07
N ARG A 183 14.37 -5.02 -12.03
CA ARG A 183 13.77 -6.31 -11.72
C ARG A 183 12.98 -6.78 -12.93
N ARG A 184 12.79 -8.09 -13.02
CA ARG A 184 11.97 -8.61 -14.10
C ARG A 184 10.65 -9.20 -13.59
N VAL A 185 9.55 -8.53 -13.95
CA VAL A 185 8.21 -8.95 -13.51
C VAL A 185 7.67 -9.95 -14.53
N VAL A 186 7.07 -11.03 -14.03
CA VAL A 186 6.68 -12.17 -14.87
C VAL A 186 5.38 -12.78 -14.40
N LEU A 187 4.74 -13.51 -15.31
CA LEU A 187 3.49 -14.21 -15.04
C LEU A 187 3.82 -15.71 -14.81
N ALA A 188 3.24 -16.28 -13.76
CA ALA A 188 3.50 -17.67 -13.44
C ALA A 188 2.20 -18.36 -13.22
N TYR A 189 2.09 -19.55 -13.78
CA TYR A 189 0.89 -20.34 -13.67
C TYR A 189 1.32 -21.82 -13.68
N ARG A 190 0.46 -22.70 -13.18
CA ARG A 190 0.70 -24.14 -13.28
C ARG A 190 0.74 -24.56 -14.77
N ARG A 191 1.57 -25.55 -15.08
CA ARG A 191 1.82 -25.91 -16.49
C ARG A 191 0.59 -26.44 -17.27
N ASN A 192 -0.32 -27.13 -16.57
CA ASN A 192 -1.48 -27.66 -17.28
C ASN A 192 -2.79 -27.04 -16.85
N PHE A 193 -2.74 -25.74 -16.54
CA PHE A 193 -3.91 -24.91 -16.33
C PHE A 193 -4.87 -25.16 -17.47
N VAL A 194 -6.12 -25.40 -17.13
CA VAL A 194 -7.20 -25.69 -18.08
C VAL A 194 -7.77 -24.51 -18.92
N ARG A 195 -7.42 -23.27 -18.56
CA ARG A 195 -8.02 -22.09 -19.19
C ARG A 195 -6.97 -21.21 -19.84
N PRO A 196 -6.37 -21.71 -20.94
CA PRO A 196 -5.31 -21.04 -21.67
C PRO A 196 -5.79 -19.70 -22.23
N LYS A 197 -7.09 -19.62 -22.50
CA LYS A 197 -7.71 -18.39 -22.99
C LYS A 197 -7.73 -17.33 -21.87
N ALA A 198 -8.19 -17.71 -20.67
CA ALA A 198 -8.15 -16.76 -19.56
C ALA A 198 -6.73 -16.21 -19.39
N LEU A 199 -5.78 -17.12 -19.34
CA LEU A 199 -4.37 -16.77 -19.23
C LEU A 199 -3.95 -15.79 -20.30
N SER A 200 -4.38 -16.03 -21.54
CA SER A 200 -3.80 -15.30 -22.66
C SER A 200 -4.39 -13.90 -22.69
N ALA A 201 -5.61 -13.75 -22.17
CA ALA A 201 -6.21 -12.43 -22.05
C ALA A 201 -5.52 -11.65 -20.92
N MSE A 202 -5.06 -12.36 -19.88
CA MSE A 202 -4.28 -11.74 -18.79
C MSE A 202 -2.96 -11.19 -19.29
O MSE A 202 -2.60 -10.05 -18.98
CB MSE A 202 -3.94 -12.74 -17.71
CG MSE A 202 -4.67 -12.55 -16.41
SE MSE A 202 -4.67 -10.73 -15.64
CE MSE A 202 -6.33 -11.12 -14.70
N LYS A 203 -2.20 -12.00 -20.00
CA LYS A 203 -0.92 -11.53 -20.48
C LYS A 203 -1.13 -10.38 -21.44
N ALA A 204 -2.24 -10.42 -22.17
CA ALA A 204 -2.54 -9.42 -23.19
C ALA A 204 -2.85 -8.10 -22.50
N ALA A 205 -3.77 -8.15 -21.54
CA ALA A 205 -4.16 -6.98 -20.78
C ALA A 205 -2.98 -6.31 -20.07
N ILE A 206 -2.05 -7.10 -19.54
CA ILE A 206 -0.87 -6.57 -18.88
C ILE A 206 0.09 -5.91 -19.87
N MSE A 207 0.36 -6.62 -20.97
CA MSE A 207 1.24 -6.11 -22.03
C MSE A 207 0.76 -4.79 -22.65
O MSE A 207 1.56 -3.98 -23.16
CB MSE A 207 1.41 -7.16 -23.14
CG MSE A 207 2.12 -8.44 -22.70
SE MSE A 207 3.86 -8.18 -21.83
CE MSE A 207 4.91 -7.56 -23.35
N GLN A 208 -0.56 -4.57 -22.62
CA GLN A 208 -1.15 -3.38 -23.18
C GLN A 208 -1.55 -2.37 -22.10
N SER A 209 -1.12 -2.62 -20.87
CA SER A 209 -1.56 -1.81 -19.74
C SER A 209 -1.12 -0.37 -19.85
N GLN A 210 0.00 -0.13 -20.54
CA GLN A 210 0.56 1.23 -20.67
C GLN A 210 1.21 1.78 -19.40
N LEU A 211 1.57 0.87 -18.49
CA LEU A 211 2.26 1.21 -17.26
C LEU A 211 3.49 2.05 -17.63
N HIS A 212 3.81 3.03 -16.79
CA HIS A 212 4.86 3.99 -17.07
C HIS A 212 6.17 3.55 -16.46
N GLY A 213 7.27 3.80 -17.17
CA GLY A 213 8.60 3.59 -16.61
C GLY A 213 9.16 2.18 -16.70
N VAL A 214 8.50 1.32 -17.47
CA VAL A 214 8.98 -0.03 -17.65
C VAL A 214 9.22 -0.27 -19.13
N SER A 215 9.97 -1.33 -19.44
CA SER A 215 10.19 -1.77 -20.79
C SER A 215 9.57 -3.14 -20.92
N PHE A 216 8.58 -3.25 -21.80
CA PHE A 216 7.88 -4.50 -22.01
C PHE A 216 8.74 -5.44 -22.82
N ILE A 217 8.55 -6.73 -22.60
CA ILE A 217 9.39 -7.77 -23.20
C ILE A 217 8.67 -8.52 -24.32
N CYS A 218 9.02 -8.20 -25.56
CA CYS A 218 8.31 -8.76 -26.70
C CYS A 218 9.23 -9.58 -27.58
N GLU B 3 16.58 17.10 16.15
CA GLU B 3 15.73 16.20 16.92
C GLU B 3 15.94 14.75 16.49
N GLY B 4 15.55 13.82 17.35
CA GLY B 4 15.72 12.40 17.11
C GLY B 4 14.38 11.73 16.84
N ALA B 5 14.41 10.68 16.03
CA ALA B 5 13.24 10.07 15.41
C ALA B 5 12.05 9.78 16.31
N PHE B 6 10.88 10.23 15.89
CA PHE B 6 9.62 9.82 16.51
C PHE B 6 9.19 8.51 15.85
N LYS B 7 8.67 7.58 16.65
CA LYS B 7 8.23 6.31 16.11
C LYS B 7 6.72 6.34 16.12
N LEU B 8 6.14 6.35 14.93
CA LEU B 8 4.70 6.45 14.74
C LEU B 8 4.17 5.23 14.01
N GLY B 9 3.09 4.68 14.54
CA GLY B 9 2.43 3.54 13.94
C GLY B 9 1.02 3.94 13.58
N LEU B 10 0.60 3.60 12.38
CA LEU B 10 -0.71 3.91 11.87
C LEU B 10 -1.34 2.59 11.44
N ILE B 11 -2.64 2.42 11.67
CA ILE B 11 -3.34 1.24 11.16
C ILE B 11 -3.31 1.15 9.63
N PHE B 12 -3.53 -0.05 9.10
CA PHE B 12 -3.39 -0.30 7.66
C PHE B 12 -4.30 0.61 6.83
N THR B 13 -5.57 0.67 7.21
CA THR B 13 -6.56 1.41 6.46
C THR B 13 -6.43 2.95 6.59
N VAL B 14 -5.44 3.42 7.32
CA VAL B 14 -5.23 4.87 7.42
C VAL B 14 -3.89 5.31 6.85
N ALA B 15 -2.89 4.49 7.06
CA ALA B 15 -1.50 4.89 6.83
C ALA B 15 -1.21 5.45 5.45
N PRO B 16 -1.57 4.70 4.40
CA PRO B 16 -1.14 5.15 3.07
C PRO B 16 -1.81 6.48 2.64
N TYR B 17 -2.96 6.79 3.22
CA TYR B 17 -3.68 8.01 2.84
C TYR B 17 -3.32 9.27 3.68
N LEU B 18 -3.10 9.11 4.98
CA LEU B 18 -2.74 10.23 5.86
C LEU B 18 -1.29 10.67 5.69
N LEU B 19 -0.37 9.71 5.74
CA LEU B 19 1.05 10.00 5.65
C LEU B 19 1.46 11.08 4.64
N PRO B 20 0.99 10.99 3.38
CA PRO B 20 1.62 11.96 2.48
C PRO B 20 1.43 13.40 2.98
N LYS B 21 0.29 13.67 3.59
CA LYS B 21 -0.01 15.02 4.04
C LYS B 21 0.63 15.31 5.39
N LEU B 22 0.80 14.25 6.17
CA LEU B 22 1.37 14.36 7.51
C LEU B 22 2.82 14.79 7.40
N ILE B 23 3.51 14.26 6.41
CA ILE B 23 4.90 14.63 6.17
C ILE B 23 5.00 16.12 5.83
N VAL B 24 4.15 16.58 4.91
CA VAL B 24 4.22 17.97 4.48
C VAL B 24 3.95 18.93 5.64
N SER B 25 2.90 18.67 6.41
CA SER B 25 2.60 19.57 7.51
C SER B 25 3.52 19.32 8.71
N LEU B 26 4.19 18.17 8.71
CA LEU B 26 5.16 17.88 9.76
C LEU B 26 6.40 18.75 9.52
N ARG B 27 6.73 19.03 8.27
CA ARG B 27 7.90 19.87 7.99
C ARG B 27 7.65 21.32 8.44
N ARG B 28 6.41 21.60 8.81
CA ARG B 28 6.03 22.93 9.26
C ARG B 28 6.16 23.01 10.77
N THR B 29 5.92 21.88 11.42
CA THR B 29 5.70 21.75 12.86
C THR B 29 6.85 21.07 13.61
N ALA B 30 7.66 20.31 12.88
CA ALA B 30 8.77 19.58 13.48
C ALA B 30 9.85 19.36 12.42
N PRO B 31 10.28 20.45 11.80
CA PRO B 31 11.17 20.43 10.64
C PRO B 31 12.37 19.52 10.81
N LYS B 32 12.83 19.28 12.04
CA LYS B 32 14.07 18.53 12.27
C LYS B 32 13.86 17.12 12.83
N MSE B 33 12.60 16.70 12.92
CA MSE B 33 12.28 15.43 13.54
C MSE B 33 11.92 14.37 12.47
O MSE B 33 10.86 14.42 11.87
CB MSE B 33 11.13 15.63 14.52
CG MSE B 33 11.06 14.62 15.61
SE MSE B 33 9.40 14.76 16.62
CE MSE B 33 8.16 14.61 15.14
N PRO B 34 12.84 13.41 12.25
CA PRO B 34 12.66 12.27 11.35
C PRO B 34 11.54 11.36 11.81
N LEU B 35 10.93 10.61 10.88
CA LEU B 35 9.96 9.59 11.25
C LEU B 35 10.44 8.13 11.10
N MSE B 36 9.97 7.31 12.02
CA MSE B 36 10.19 5.89 11.96
C MSE B 36 8.79 5.34 11.95
O MSE B 36 8.01 5.60 12.87
CB MSE B 36 10.96 5.40 13.20
CG MSE B 36 12.44 5.76 13.17
SE MSE B 36 13.55 4.48 14.20
CE MSE B 36 12.35 2.95 14.11
N LEU B 37 8.44 4.60 10.89
CA LEU B 37 7.03 4.34 10.63
C LEU B 37 6.71 2.86 10.64
N GLU B 38 5.59 2.54 11.29
CA GLU B 38 5.08 1.17 11.36
C GLU B 38 3.65 1.24 10.89
N GLU B 39 3.26 0.26 10.07
CA GLU B 39 1.85 0.07 9.73
C GLU B 39 1.45 -1.33 10.17
N ASN B 40 0.25 -1.52 10.70
CA ASN B 40 -0.15 -2.82 11.20
C ASN B 40 -1.53 -2.88 11.82
N TYR B 41 -1.90 -4.05 12.31
CA TYR B 41 -3.23 -4.20 12.89
C TYR B 41 -3.28 -3.48 14.20
N THR B 42 -4.48 -3.02 14.55
CA THR B 42 -4.70 -2.35 15.82
C THR B 42 -4.02 -3.12 16.95
N HIS B 43 -4.36 -4.41 17.08
CA HIS B 43 -3.85 -5.22 18.19
C HIS B 43 -2.34 -5.28 18.26
N THR B 44 -1.68 -5.51 17.13
CA THR B 44 -0.23 -5.59 17.20
C THR B 44 0.33 -4.19 17.46
N LEU B 45 -0.42 -3.17 17.03
CA LEU B 45 -0.04 -1.78 17.27
C LEU B 45 -0.15 -1.35 18.74
N THR B 46 -1.24 -1.77 19.39
CA THR B 46 -1.42 -1.53 20.81
C THR B 46 -0.31 -2.25 21.60
N GLU B 47 -0.11 -3.53 21.32
CA GLU B 47 0.94 -4.27 21.99
C GLU B 47 2.26 -3.53 21.84
N SER B 48 2.61 -3.12 20.62
CA SER B 48 3.92 -2.51 20.44
C SER B 48 4.06 -1.17 21.13
N LEU B 49 2.94 -0.46 21.29
CA LEU B 49 2.97 0.84 21.97
C LEU B 49 3.13 0.63 23.47
N LYS B 50 2.45 -0.40 23.98
CA LYS B 50 2.57 -0.79 25.38
C LYS B 50 4.01 -1.13 25.78
N ARG B 51 4.79 -1.64 24.84
CA ARG B 51 6.17 -1.98 25.12
C ARG B 51 7.13 -0.82 24.84
N GLY B 52 6.58 0.32 24.42
CA GLY B 52 7.40 1.47 24.08
C GLY B 52 8.23 1.25 22.82
N ASP B 53 7.92 0.19 22.08
CA ASP B 53 8.56 -0.09 20.79
C ASP B 53 8.18 1.02 19.82
N VAL B 54 6.99 1.56 20.05
CA VAL B 54 6.46 2.60 19.20
C VAL B 54 5.91 3.76 20.04
N ASP B 55 6.20 4.98 19.63
CA ASP B 55 5.95 6.18 20.42
C ASP B 55 4.49 6.65 20.45
N ALA B 56 3.84 6.63 19.30
CA ALA B 56 2.43 7.02 19.21
C ALA B 56 1.84 6.27 18.02
N ILE B 57 0.55 5.94 18.13
CA ILE B 57 -0.13 5.24 17.07
C ILE B 57 -1.43 5.92 16.74
N ILE B 58 -1.82 5.83 15.47
CA ILE B 58 -3.10 6.33 14.99
C ILE B 58 -4.04 5.19 14.70
N VAL B 59 -5.16 5.16 15.42
CA VAL B 59 -6.10 4.06 15.31
C VAL B 59 -7.49 4.62 15.37
N ALA B 60 -8.49 3.78 15.65
CA ALA B 60 -9.88 4.24 15.61
C ALA B 60 -10.78 3.65 16.69
N GLU B 61 -11.80 4.42 17.08
CA GLU B 61 -12.81 3.98 18.01
C GLU B 61 -13.41 2.68 17.51
N PRO B 62 -13.88 1.82 18.41
CA PRO B 62 -13.79 1.98 19.86
C PRO B 62 -12.38 1.59 20.33
N PHE B 63 -11.78 2.41 21.18
CA PHE B 63 -10.44 2.14 21.68
C PHE B 63 -10.31 2.50 23.17
N GLN B 64 -10.06 1.49 23.99
CA GLN B 64 -9.92 1.70 25.43
C GLN B 64 -8.88 0.73 25.97
N GLU B 65 -7.85 1.27 26.64
CA GLU B 65 -6.73 0.44 27.07
C GLU B 65 -6.00 1.06 28.29
N PRO B 66 -5.78 0.25 29.34
CA PRO B 66 -5.27 0.81 30.60
C PRO B 66 -3.91 1.46 30.41
N GLY B 67 -3.79 2.71 30.86
CA GLY B 67 -2.51 3.39 30.86
C GLY B 67 -2.22 4.07 29.53
N ILE B 68 -3.22 4.08 28.66
CA ILE B 68 -3.03 4.66 27.34
C ILE B 68 -4.00 5.80 27.12
N VAL B 69 -3.47 6.91 26.61
CA VAL B 69 -4.26 8.10 26.34
C VAL B 69 -4.56 8.26 24.86
N THR B 70 -5.79 8.61 24.51
CA THR B 70 -6.16 8.89 23.12
C THR B 70 -6.68 10.32 22.94
N GLU B 71 -6.31 10.98 21.84
CA GLU B 71 -6.93 12.27 21.47
C GLU B 71 -7.64 12.18 20.09
N PRO B 72 -8.90 12.60 20.05
CA PRO B 72 -9.64 12.68 18.77
C PRO B 72 -8.83 13.43 17.71
N LEU B 73 -8.85 12.94 16.47
CA LEU B 73 -8.24 13.67 15.36
C LEU B 73 -9.30 14.09 14.34
N TYR B 74 -10.03 13.13 13.79
CA TYR B 74 -11.12 13.45 12.86
C TYR B 74 -12.11 12.32 12.71
N ASP B 75 -13.28 12.68 12.21
CA ASP B 75 -14.29 11.73 11.76
C ASP B 75 -14.18 11.57 10.27
N GLU B 76 -14.28 10.34 9.81
CA GLU B 76 -14.11 9.97 8.42
C GLU B 76 -15.29 9.11 8.00
N PRO B 77 -16.14 9.67 7.13
CA PRO B 77 -17.35 9.05 6.56
C PRO B 77 -17.00 7.90 5.64
N PHE B 78 -17.88 6.91 5.56
CA PHE B 78 -17.72 5.84 4.58
C PHE B 78 -18.59 6.09 3.32
N PHE B 79 -18.18 5.52 2.19
CA PHE B 79 -18.94 5.58 0.94
C PHE B 79 -19.10 4.18 0.37
N VAL B 80 -20.18 3.96 -0.37
CA VAL B 80 -20.36 2.71 -1.07
C VAL B 80 -19.72 2.81 -2.45
N ILE B 81 -18.94 1.81 -2.83
CA ILE B 81 -18.46 1.74 -4.20
C ILE B 81 -19.06 0.53 -4.90
N VAL B 82 -19.33 0.70 -6.20
CA VAL B 82 -19.96 -0.33 -7.00
C VAL B 82 -19.31 -0.34 -8.36
N PRO B 83 -19.44 -1.46 -9.08
CA PRO B 83 -18.89 -1.58 -10.43
C PRO B 83 -19.65 -0.65 -11.36
N LYS B 84 -18.97 -0.13 -12.37
CA LYS B 84 -19.64 0.63 -13.42
C LYS B 84 -20.83 -0.19 -13.92
N GLY B 85 -21.99 0.44 -14.00
CA GLY B 85 -23.18 -0.24 -14.45
C GLY B 85 -24.00 -0.90 -13.34
N HIS B 86 -23.56 -0.78 -12.10
CA HIS B 86 -24.36 -1.25 -10.98
C HIS B 86 -25.63 -0.36 -10.82
N SER B 87 -26.72 -0.98 -10.38
CA SER B 87 -28.00 -0.26 -10.28
C SER B 87 -27.94 0.98 -9.39
N PHE B 88 -27.18 0.93 -8.30
CA PHE B 88 -27.10 2.08 -7.39
C PHE B 88 -26.59 3.32 -8.12
N GLU B 89 -26.12 3.16 -9.36
CA GLU B 89 -25.65 4.29 -10.16
C GLU B 89 -26.78 5.27 -10.46
N GLU B 90 -27.99 4.77 -10.36
CA GLU B 90 -29.18 5.58 -10.62
C GLU B 90 -29.58 6.37 -9.38
N LEU B 91 -29.18 5.85 -8.21
CA LEU B 91 -29.52 6.47 -6.93
C LEU B 91 -28.66 7.68 -6.64
N ASP B 92 -29.26 8.68 -6.01
CA ASP B 92 -28.50 9.88 -5.68
C ASP B 92 -27.46 9.58 -4.61
N ALA B 93 -27.95 9.48 -3.39
CA ALA B 93 -27.13 9.10 -2.28
C ALA B 93 -27.98 8.11 -1.53
N VAL B 94 -28.44 7.08 -2.25
CA VAL B 94 -29.39 6.15 -1.69
C VAL B 94 -28.70 4.89 -1.22
N SER B 95 -28.19 4.93 0.00
CA SER B 95 -27.64 3.75 0.61
C SER B 95 -27.83 3.85 2.10
N PRO B 96 -28.64 2.94 2.67
CA PRO B 96 -28.90 2.85 4.10
C PRO B 96 -28.43 1.49 4.59
N ARG B 97 -29.26 0.50 4.34
CA ARG B 97 -28.96 -0.89 4.59
C ARG B 97 -29.69 -1.68 3.50
N MSE B 98 -29.86 -1.01 2.37
CA MSE B 98 -30.31 -1.68 1.16
C MSE B 98 -29.21 -2.60 0.68
O MSE B 98 -29.35 -3.28 -0.32
CB MSE B 98 -30.61 -0.65 0.06
CG MSE B 98 -31.74 0.32 0.36
SE MSE B 98 -31.55 2.00 -0.64
CE MSE B 98 -31.20 1.27 -2.42
N LEU B 99 -28.09 -2.60 1.42
CA LEU B 99 -26.93 -3.40 1.07
C LEU B 99 -26.98 -4.81 1.65
N GLY B 100 -28.10 -5.19 2.26
CA GLY B 100 -28.26 -6.54 2.74
C GLY B 100 -28.47 -7.48 1.57
N GLU B 101 -28.96 -6.93 0.48
CA GLU B 101 -29.31 -7.72 -0.71
C GLU B 101 -28.18 -7.71 -1.75
N GLU B 102 -26.99 -7.32 -1.35
CA GLU B 102 -25.88 -7.23 -2.29
C GLU B 102 -24.69 -8.03 -1.79
N GLN B 103 -23.80 -8.38 -2.72
CA GLN B 103 -22.53 -8.99 -2.37
C GLN B 103 -21.55 -7.91 -1.96
N VAL B 104 -21.19 -7.90 -0.68
CA VAL B 104 -20.29 -6.89 -0.14
C VAL B 104 -18.94 -7.46 0.29
N LEU B 105 -17.87 -6.87 -0.23
CA LEU B 105 -16.52 -7.20 0.19
C LEU B 105 -16.17 -6.46 1.48
N LEU B 106 -15.80 -7.21 2.50
CA LEU B 106 -15.37 -6.61 3.75
C LEU B 106 -13.90 -6.94 3.93
N LEU B 107 -13.16 -6.05 4.57
CA LEU B 107 -11.74 -6.27 4.83
C LEU B 107 -11.61 -7.41 5.83
N THR B 108 -10.53 -8.18 5.70
CA THR B 108 -10.20 -9.24 6.64
C THR B 108 -10.26 -8.84 8.12
N GLU B 109 -10.41 -9.87 8.94
CA GLU B 109 -10.45 -9.77 10.38
C GLU B 109 -9.10 -9.31 10.93
N GLY B 110 -9.14 -8.36 11.86
CA GLY B 110 -7.94 -7.69 12.33
C GLY B 110 -8.01 -6.22 11.94
N ASN B 111 -8.68 -5.95 10.81
CA ASN B 111 -8.94 -4.57 10.41
C ASN B 111 -10.20 -4.11 11.12
N CYS B 112 -10.07 -3.03 11.89
CA CYS B 112 -11.20 -2.50 12.65
C CYS B 112 -12.30 -2.02 11.70
N MSE B 113 -11.98 -2.01 10.41
CA MSE B 113 -12.90 -1.57 9.38
C MSE B 113 -13.97 -2.60 9.04
O MSE B 113 -15.01 -2.27 8.47
CB MSE B 113 -12.15 -1.20 8.11
CG MSE B 113 -11.81 0.27 8.00
SE MSE B 113 -12.33 0.90 6.24
CE MSE B 113 -14.18 0.31 6.23
N ARG B 114 -13.71 -3.86 9.35
CA ARG B 114 -14.69 -4.90 9.11
C ARG B 114 -15.84 -4.70 10.10
N ASP B 115 -15.49 -4.43 11.36
CA ASP B 115 -16.47 -4.22 12.42
C ASP B 115 -17.31 -2.96 12.23
N GLN B 116 -16.66 -1.86 11.86
CA GLN B 116 -17.37 -0.59 11.81
C GLN B 116 -18.34 -0.47 10.65
N VAL B 117 -18.11 -1.24 9.59
CA VAL B 117 -19.08 -1.32 8.51
C VAL B 117 -20.17 -2.33 8.89
N LEU B 118 -19.75 -3.52 9.32
CA LEU B 118 -20.67 -4.54 9.83
C LEU B 118 -21.64 -3.98 10.87
N SER B 119 -21.12 -3.20 11.82
CA SER B 119 -21.96 -2.65 12.89
C SER B 119 -22.89 -1.56 12.39
N SER B 120 -22.57 -0.98 11.23
CA SER B 120 -23.45 0.00 10.60
C SER B 120 -24.74 -0.64 10.10
N CYS B 121 -24.61 -1.74 9.37
CA CYS B 121 -25.78 -2.51 8.97
C CYS B 121 -25.79 -3.87 9.68
N THR B 134 -18.64 -17.16 6.81
CA THR B 134 -17.60 -17.99 6.21
C THR B 134 -17.40 -17.67 4.73
N ASN B 135 -18.51 -17.63 4.00
CA ASN B 135 -18.48 -17.38 2.56
C ASN B 135 -18.36 -15.90 2.23
N THR B 136 -18.67 -15.06 3.23
CA THR B 136 -18.59 -13.61 3.10
C THR B 136 -17.38 -13.16 2.28
N LEU B 137 -17.64 -12.66 1.07
CA LEU B 137 -16.58 -12.17 0.21
C LEU B 137 -15.70 -11.17 0.97
N GLN B 138 -14.40 -11.40 0.95
CA GLN B 138 -13.52 -10.57 1.77
C GLN B 138 -12.11 -10.35 1.22
N GLY B 139 -11.66 -9.10 1.29
CA GLY B 139 -10.32 -8.76 0.84
C GLY B 139 -9.38 -8.51 2.00
N SER B 140 -8.09 -8.60 1.72
CA SER B 140 -7.11 -8.41 2.76
C SER B 140 -6.80 -6.92 2.83
N SER B 141 -7.26 -6.16 1.84
CA SER B 141 -6.97 -4.73 1.86
C SER B 141 -7.85 -3.92 0.94
N ILE B 142 -7.78 -2.61 1.16
CA ILE B 142 -8.44 -1.65 0.33
C ILE B 142 -7.93 -1.75 -1.09
N ASN B 143 -6.61 -1.86 -1.26
CA ASN B 143 -6.08 -2.05 -2.60
C ASN B 143 -6.76 -3.22 -3.35
N THR B 144 -6.82 -4.41 -2.75
CA THR B 144 -7.41 -5.53 -3.48
C THR B 144 -8.92 -5.40 -3.52
N ILE B 145 -9.51 -4.71 -2.55
CA ILE B 145 -10.97 -4.61 -2.55
C ILE B 145 -11.46 -3.65 -3.63
N ARG B 146 -10.79 -2.52 -3.77
CA ARG B 146 -11.21 -1.56 -4.78
C ARG B 146 -11.06 -2.10 -6.21
N HIS B 147 -10.00 -2.85 -6.48
CA HIS B 147 -9.82 -3.38 -7.84
C HIS B 147 -10.66 -4.62 -8.12
N MSE B 148 -11.02 -5.35 -7.07
CA MSE B 148 -11.99 -6.41 -7.24
C MSE B 148 -13.34 -5.85 -7.69
O MSE B 148 -13.92 -6.32 -8.67
CB MSE B 148 -12.12 -7.23 -5.97
CG MSE B 148 -10.95 -8.23 -5.79
SE MSE B 148 -11.37 -9.58 -4.44
CE MSE B 148 -10.81 -8.58 -2.87
N VAL B 149 -13.81 -4.84 -6.97
CA VAL B 149 -15.05 -4.12 -7.29
C VAL B 149 -14.96 -3.54 -8.67
N ALA B 150 -13.82 -2.91 -9.00
CA ALA B 150 -13.70 -2.28 -10.31
C ALA B 150 -13.99 -3.27 -11.44
N SER B 151 -13.52 -4.50 -11.28
CA SER B 151 -13.63 -5.56 -12.30
C SER B 151 -14.97 -6.26 -12.28
N GLY B 152 -15.83 -5.89 -11.35
CA GLY B 152 -17.20 -6.40 -11.34
C GLY B 152 -17.47 -7.50 -10.33
N LEU B 153 -16.46 -7.90 -9.56
CA LEU B 153 -16.65 -9.00 -8.61
C LEU B 153 -17.79 -8.73 -7.63
N ALA B 154 -17.83 -7.52 -7.09
CA ALA B 154 -18.93 -7.13 -6.21
C ALA B 154 -18.71 -5.70 -5.77
N ILE B 155 -19.47 -5.31 -4.75
CA ILE B 155 -19.43 -3.96 -4.20
C ILE B 155 -18.80 -3.92 -2.79
N SER B 156 -18.42 -2.73 -2.35
CA SER B 156 -17.81 -2.57 -1.04
C SER B 156 -18.09 -1.19 -0.43
N VAL B 157 -17.55 -0.99 0.77
CA VAL B 157 -17.68 0.24 1.54
C VAL B 157 -16.29 0.74 1.87
N LEU B 158 -15.96 1.98 1.50
CA LEU B 158 -14.60 2.46 1.72
C LEU B 158 -14.57 3.70 2.62
N PRO B 159 -13.42 3.97 3.22
CA PRO B 159 -13.32 5.22 3.99
C PRO B 159 -13.10 6.36 3.01
N ALA B 160 -13.76 7.48 3.24
CA ALA B 160 -13.65 8.63 2.37
C ALA B 160 -12.23 8.91 1.88
N THR B 161 -11.24 8.81 2.76
CA THR B 161 -9.89 9.29 2.42
C THR B 161 -9.16 8.31 1.53
N ALA B 162 -9.77 7.15 1.35
CA ALA B 162 -9.22 6.13 0.47
C ALA B 162 -9.74 6.29 -0.95
N LEU B 163 -10.45 7.39 -1.24
CA LEU B 163 -11.13 7.59 -2.53
C LEU B 163 -10.50 8.70 -3.38
N THR B 164 -9.81 8.31 -4.45
CA THR B 164 -9.14 9.30 -5.28
C THR B 164 -10.17 10.06 -6.08
N GLU B 165 -10.04 11.39 -6.09
CA GLU B 165 -10.86 12.22 -6.94
C GLU B 165 -10.89 11.58 -8.32
N ASN B 166 -9.79 10.96 -8.67
CA ASN B 166 -9.56 10.53 -10.04
C ASN B 166 -10.06 9.12 -10.33
N ASP B 167 -10.69 8.47 -9.36
CA ASP B 167 -11.01 7.07 -9.57
C ASP B 167 -12.47 6.73 -9.93
N HIS B 168 -13.21 7.70 -10.47
CA HIS B 168 -14.52 7.39 -11.03
C HIS B 168 -14.35 6.64 -12.35
N MSE B 169 -13.11 6.55 -12.81
CA MSE B 169 -12.78 5.74 -13.98
C MSE B 169 -12.92 4.26 -13.66
O MSE B 169 -13.10 3.44 -14.57
CB MSE B 169 -11.34 5.98 -14.45
CG MSE B 169 -10.78 7.33 -14.12
SE MSE B 169 -11.35 8.75 -15.32
CE MSE B 169 -10.67 10.27 -14.32
N LEU B 170 -12.82 3.91 -12.39
CA LEU B 170 -12.75 2.50 -12.01
C LEU B 170 -14.08 1.99 -11.46
N PHE B 171 -14.77 2.82 -10.70
CA PHE B 171 -16.06 2.43 -10.16
C PHE B 171 -16.89 3.68 -9.91
N SER B 172 -17.93 3.54 -9.10
CA SER B 172 -18.77 4.68 -8.80
C SER B 172 -18.96 4.78 -7.29
N ILE B 173 -18.74 5.98 -6.76
CA ILE B 173 -18.89 6.20 -5.33
C ILE B 173 -20.30 6.65 -5.02
N ILE B 174 -21.04 5.83 -4.30
CA ILE B 174 -22.42 6.14 -4.00
C ILE B 174 -22.51 6.46 -2.52
N PRO B 175 -22.84 7.72 -2.18
CA PRO B 175 -22.91 8.12 -0.76
C PRO B 175 -24.01 7.38 -0.01
N PHE B 176 -23.86 7.30 1.31
CA PHE B 176 -24.96 6.88 2.17
C PHE B 176 -25.90 8.08 2.31
N GLU B 177 -27.17 7.83 2.61
CA GLU B 177 -28.08 8.96 2.81
C GLU B 177 -28.15 9.39 4.27
N GLY B 178 -28.58 10.63 4.48
CA GLY B 178 -28.68 11.18 5.82
C GLY B 178 -27.31 11.31 6.45
N THR B 179 -27.12 10.68 7.60
CA THR B 179 -25.82 10.69 8.27
C THR B 179 -25.05 9.39 7.97
N PRO B 180 -23.90 9.54 7.30
CA PRO B 180 -23.18 8.37 6.80
C PRO B 180 -22.49 7.66 7.95
N PRO B 181 -22.31 6.34 7.85
CA PRO B 181 -21.44 5.71 8.84
C PRO B 181 -20.07 6.36 8.72
N SER B 182 -19.33 6.41 9.83
CA SER B 182 -18.02 7.02 9.79
C SER B 182 -17.20 6.39 10.88
N ARG B 183 -15.91 6.66 10.86
CA ARG B 183 -15.05 6.17 11.94
C ARG B 183 -14.32 7.37 12.55
N ARG B 184 -13.93 7.23 13.81
CA ARG B 184 -13.24 8.31 14.51
C ARG B 184 -11.76 7.97 14.65
N VAL B 185 -10.91 8.66 13.88
CA VAL B 185 -9.47 8.39 13.97
C VAL B 185 -8.86 9.18 15.14
N VAL B 186 -7.96 8.55 15.89
CA VAL B 186 -7.42 9.14 17.13
C VAL B 186 -5.93 8.91 17.28
N LEU B 187 -5.28 9.71 18.12
CA LEU B 187 -3.88 9.48 18.50
C LEU B 187 -3.84 8.81 19.85
N ALA B 188 -3.26 7.62 19.90
CA ALA B 188 -3.06 6.89 21.16
C ALA B 188 -1.60 6.92 21.58
N TYR B 189 -1.37 7.12 22.87
CA TYR B 189 -0.01 7.20 23.37
C TYR B 189 0.05 6.88 24.86
N ARG B 190 1.24 6.55 25.36
CA ARG B 190 1.35 6.16 26.75
C ARG B 190 1.13 7.35 27.68
N ARG B 191 0.30 7.15 28.71
CA ARG B 191 0.12 8.11 29.81
C ARG B 191 1.46 8.70 30.28
N ASN B 192 2.45 7.82 30.41
CA ASN B 192 3.78 8.18 30.91
C ASN B 192 4.79 8.57 29.85
N PHE B 193 4.32 8.87 28.65
CA PHE B 193 5.25 9.24 27.59
C PHE B 193 5.96 10.52 28.00
N VAL B 194 7.25 10.63 27.66
CA VAL B 194 8.01 11.79 28.09
C VAL B 194 8.64 12.63 26.98
N ARG B 195 7.93 12.79 25.87
CA ARG B 195 8.38 13.79 24.90
C ARG B 195 7.21 14.68 24.50
N PRO B 196 6.87 15.62 25.39
CA PRO B 196 5.64 16.43 25.33
C PRO B 196 5.65 17.30 24.08
N LYS B 197 6.83 17.71 23.63
CA LYS B 197 6.99 18.60 22.48
C LYS B 197 6.82 17.85 21.16
N ALA B 198 7.35 16.63 21.11
CA ALA B 198 7.23 15.81 19.90
C ALA B 198 5.78 15.45 19.72
N LEU B 199 5.18 14.95 20.79
CA LEU B 199 3.78 14.58 20.76
C LEU B 199 2.98 15.76 20.31
N SER B 200 3.10 16.89 21.01
CA SER B 200 2.26 18.03 20.67
C SER B 200 2.52 18.46 19.22
N ALA B 201 3.78 18.48 18.80
CA ALA B 201 4.07 18.78 17.40
C ALA B 201 3.37 17.80 16.45
N MSE B 202 3.31 16.52 16.86
CA MSE B 202 2.66 15.50 16.05
C MSE B 202 1.15 15.70 15.95
O MSE B 202 0.59 15.60 14.86
CB MSE B 202 2.94 14.09 16.57
CG MSE B 202 2.12 13.00 15.91
SE MSE B 202 2.73 12.54 14.09
CE MSE B 202 2.48 14.23 13.15
N LYS B 203 0.48 15.97 17.06
CA LYS B 203 -0.96 16.15 16.96
C LYS B 203 -1.32 17.40 16.16
N ALA B 204 -0.37 18.33 16.04
CA ALA B 204 -0.63 19.57 15.29
C ALA B 204 -0.41 19.37 13.80
N ALA B 205 0.56 18.53 13.43
CA ALA B 205 0.78 18.22 12.01
C ALA B 205 -0.45 17.54 11.47
N ILE B 206 -0.99 16.63 12.26
CA ILE B 206 -2.14 15.86 11.84
C ILE B 206 -3.31 16.80 11.67
N MSE B 207 -3.49 17.64 12.67
CA MSE B 207 -4.58 18.60 12.63
C MSE B 207 -4.48 19.62 11.49
O MSE B 207 -5.48 19.99 10.91
CB MSE B 207 -4.76 19.23 13.99
CG MSE B 207 -6.17 19.04 14.52
SE MSE B 207 -6.63 17.22 15.10
CE MSE B 207 -6.31 16.19 13.48
N GLN B 208 -3.27 20.03 11.14
CA GLN B 208 -3.05 21.02 10.08
C GLN B 208 -2.79 20.37 8.72
N SER B 209 -3.16 19.11 8.60
CA SER B 209 -2.67 18.26 7.52
C SER B 209 -3.37 18.51 6.22
N GLN B 210 -4.65 18.85 6.30
CA GLN B 210 -5.48 19.18 5.13
C GLN B 210 -5.99 17.97 4.37
N LEU B 211 -6.03 16.84 5.08
CA LEU B 211 -6.62 15.61 4.58
C LEU B 211 -8.03 15.91 4.09
N HIS B 212 -8.32 15.49 2.86
CA HIS B 212 -9.63 15.71 2.24
C HIS B 212 -10.65 14.69 2.74
N GLY B 213 -11.90 15.11 2.85
CA GLY B 213 -12.99 14.18 3.11
C GLY B 213 -13.33 13.90 4.55
N VAL B 214 -12.62 14.54 5.47
CA VAL B 214 -12.89 14.34 6.90
C VAL B 214 -13.26 15.62 7.66
N SER B 215 -13.90 15.41 8.81
CA SER B 215 -14.25 16.47 9.72
C SER B 215 -13.31 16.40 10.91
N PHE B 216 -12.33 17.30 10.93
CA PHE B 216 -11.44 17.40 12.06
C PHE B 216 -12.25 17.74 13.32
N ILE B 217 -11.85 17.16 14.45
CA ILE B 217 -12.46 17.46 15.74
C ILE B 217 -11.75 18.62 16.41
N CYS B 218 -12.46 19.73 16.61
CA CYS B 218 -11.87 20.91 17.22
C CYS B 218 -12.57 21.31 18.53
CL CL C . 9.95 -14.73 -0.91
CL CL D . -5.16 -1.21 2.85
#